data_5J4W
#
_entry.id   5J4W
#
_entity_poly.entity_id   1
_entity_poly.type   'polydeoxyribonucleotide'
_entity_poly.pdbx_seq_one_letter_code
;(DG)(DG)(DT)(DT)(DT)(DG)(DG)(DT)(DT)(DT)(DT)(DG)(DG)(DT)(DT)(DG)(DG)
;
_entity_poly.pdbx_strand_id   A
#